data_3KBF
#
_entry.id   3KBF
#
_cell.length_a   39.204
_cell.length_b   68.986
_cell.length_c   110.488
_cell.angle_alpha   90.00
_cell.angle_beta   90.00
_cell.angle_gamma   90.00
#
_symmetry.space_group_name_H-M   'C 2 2 21'
#
loop_
_entity.id
_entity.type
_entity.pdbx_description
1 polymer 'Superoxide dismutase [Cu-Zn]'
2 non-polymer 'COPPER (II) ION'
3 non-polymer 'ZINC ION'
4 non-polymer 'SULFATE ION'
5 water water
#
_entity_poly.entity_id   1
_entity_poly.type   'polypeptide(L)'
_entity_poly.pdbx_seq_one_letter_code
;SNRAVAVLRGETVTGTIWITQKSENDQAVIEGEIKGLTPGLHGFHVHQYGDSTNGCISAGPHFNPFGKTHGGPKSEIRHV
GDLGNVEAGADGVAKIKLTDTLVTLYGPNTVVGRSMVVHAGQDDLGEGVGDKAEESKKTGNAGARAACGVIALAAPQ
;
_entity_poly.pdbx_strand_id   A
#
# COMPACT_ATOMS: atom_id res chain seq x y z
N SER A 1 2.89 22.55 -0.66
CA SER A 1 3.04 21.10 -0.48
C SER A 1 1.72 20.47 -0.05
N ASN A 2 1.64 19.15 -0.17
CA ASN A 2 0.49 18.40 0.28
C ASN A 2 0.92 17.32 1.25
N ARG A 3 0.00 16.97 2.14
CA ARG A 3 0.24 15.93 3.13
C ARG A 3 -1.03 15.10 3.30
N ALA A 4 -0.84 13.81 3.51
CA ALA A 4 -1.97 12.92 3.80
C ALA A 4 -1.53 11.90 4.83
N VAL A 5 -2.50 11.27 5.48
CA VAL A 5 -2.18 10.27 6.50
C VAL A 5 -3.21 9.15 6.45
N ALA A 6 -2.75 7.92 6.64
CA ALA A 6 -3.64 6.76 6.75
C ALA A 6 -3.43 6.12 8.10
N VAL A 7 -4.50 6.05 8.89
CA VAL A 7 -4.48 5.33 10.15
C VAL A 7 -4.99 3.92 9.86
N LEU A 8 -4.09 2.94 9.94
CA LEU A 8 -4.47 1.59 9.59
CA LEU A 8 -4.43 1.57 9.60
C LEU A 8 -5.09 0.88 10.79
N ARG A 9 -6.24 0.28 10.54
CA ARG A 9 -6.93 -0.46 11.59
C ARG A 9 -7.15 -1.89 11.15
N GLY A 10 -7.05 -2.79 12.12
CA GLY A 10 -7.24 -4.21 11.87
C GLY A 10 -7.44 -4.93 13.18
N GLU A 11 -7.78 -6.21 13.09
CA GLU A 11 -8.08 -6.99 14.28
C GLU A 11 -6.87 -7.07 15.20
N THR A 12 -5.68 -7.18 14.63
CA THR A 12 -4.48 -7.32 15.44
C THR A 12 -3.33 -6.42 14.94
N VAL A 13 -3.40 -6.00 13.69
CA VAL A 13 -2.39 -5.12 13.11
C VAL A 13 -2.91 -3.68 13.06
N THR A 14 -2.06 -2.71 13.42
CA THR A 14 -2.42 -1.30 13.31
C THR A 14 -1.21 -0.48 12.89
N GLY A 15 -1.40 0.78 12.54
CA GLY A 15 -0.28 1.61 12.17
C GLY A 15 -0.69 2.98 11.68
N THR A 16 0.30 3.81 11.37
CA THR A 16 0.07 5.14 10.83
C THR A 16 1.08 5.39 9.74
N ILE A 17 0.60 5.81 8.57
CA ILE A 17 1.45 6.06 7.43
C ILE A 17 1.21 7.48 6.91
N TRP A 18 2.27 8.26 6.80
CA TRP A 18 2.21 9.62 6.28
C TRP A 18 2.69 9.65 4.84
N ILE A 19 2.04 10.46 4.02
CA ILE A 19 2.53 10.73 2.67
C ILE A 19 2.75 12.24 2.56
N THR A 20 3.95 12.66 2.15
CA THR A 20 4.22 14.07 1.92
C THR A 20 4.72 14.26 0.51
N GLN A 21 4.38 15.39 -0.09
CA GLN A 21 4.79 15.65 -1.46
C GLN A 21 4.96 17.16 -1.65
N LYS A 22 6.15 17.58 -2.07
CA LYS A 22 6.48 19.00 -2.14
C LYS A 22 5.68 19.75 -3.21
N SER A 23 5.38 19.05 -4.29
CA SER A 23 4.61 19.62 -5.40
C SER A 23 4.17 18.49 -6.30
N GLU A 24 3.32 18.80 -7.28
CA GLU A 24 2.82 17.76 -8.19
C GLU A 24 3.96 17.16 -9.02
N ASN A 25 5.09 17.85 -9.06
CA ASN A 25 6.24 17.39 -9.83
C ASN A 25 7.25 16.60 -9.01
N ASP A 26 7.01 16.50 -7.70
CA ASP A 26 7.93 15.79 -6.81
C ASP A 26 7.40 14.41 -6.47
N GLN A 27 8.30 13.51 -6.13
CA GLN A 27 7.90 12.17 -5.69
C GLN A 27 7.17 12.22 -4.36
N ALA A 28 6.28 11.27 -4.16
CA ALA A 28 5.65 11.11 -2.85
C ALA A 28 6.64 10.44 -1.91
N VAL A 29 6.72 10.94 -0.69
CA VAL A 29 7.50 10.33 0.35
C VAL A 29 6.53 9.65 1.33
N ILE A 30 6.72 8.36 1.54
CA ILE A 30 5.81 7.54 2.33
C ILE A 30 6.54 6.99 3.54
N GLU A 31 6.09 7.37 4.74
CA GLU A 31 6.80 6.97 5.93
C GLU A 31 5.87 6.74 7.12
N GLY A 32 6.24 5.78 7.96
CA GLY A 32 5.46 5.50 9.16
C GLY A 32 5.85 4.18 9.77
N GLU A 33 4.92 3.60 10.52
CA GLU A 33 5.16 2.36 11.24
C GLU A 33 3.90 1.53 11.28
N ILE A 34 4.07 0.22 11.19
CA ILE A 34 2.97 -0.72 11.34
C ILE A 34 3.37 -1.73 12.41
N LYS A 35 2.45 -2.00 13.34
CA LYS A 35 2.75 -2.94 14.43
C LYS A 35 1.80 -4.13 14.46
N GLY A 36 2.19 -5.16 15.21
CA GLY A 36 1.37 -6.36 15.33
C GLY A 36 1.56 -7.38 14.23
N LEU A 37 2.56 -7.17 13.38
CA LEU A 37 2.83 -8.06 12.26
C LEU A 37 3.69 -9.22 12.68
N THR A 38 3.55 -10.36 11.99
CA THR A 38 4.51 -11.44 12.18
C THR A 38 5.87 -11.00 11.64
N PRO A 39 6.96 -11.37 12.31
CA PRO A 39 8.28 -11.00 11.75
C PRO A 39 8.45 -11.50 10.32
N GLY A 40 9.04 -10.68 9.46
CA GLY A 40 9.19 -11.04 8.05
C GLY A 40 8.58 -10.01 7.11
N LEU A 41 8.42 -10.42 5.85
CA LEU A 41 7.98 -9.52 4.78
CA LEU A 41 7.98 -9.51 4.78
C LEU A 41 6.48 -9.55 4.58
N HIS A 42 5.88 -8.38 4.38
CA HIS A 42 4.43 -8.23 4.22
C HIS A 42 4.10 -7.31 3.06
N GLY A 43 3.18 -7.74 2.19
CA GLY A 43 2.76 -6.91 1.07
C GLY A 43 2.09 -5.62 1.55
N PHE A 44 2.29 -4.55 0.78
CA PHE A 44 1.82 -3.22 1.17
C PHE A 44 1.43 -2.47 -0.10
N HIS A 45 0.15 -2.08 -0.20
CA HIS A 45 -0.34 -1.45 -1.43
C HIS A 45 -1.35 -0.36 -1.17
N VAL A 46 -1.49 0.53 -2.15
CA VAL A 46 -2.65 1.43 -2.20
C VAL A 46 -3.73 0.70 -2.99
N HIS A 47 -4.90 0.55 -2.37
CA HIS A 47 -6.05 -0.03 -3.04
C HIS A 47 -7.01 1.04 -3.56
N GLN A 48 -7.92 0.64 -4.44
CA GLN A 48 -8.76 1.57 -5.19
C GLN A 48 -9.69 2.42 -4.32
N TYR A 49 -10.29 1.80 -3.30
CA TYR A 49 -11.31 2.47 -2.50
C TYR A 49 -10.92 2.57 -1.03
N GLY A 50 -11.41 3.60 -0.35
CA GLY A 50 -11.20 3.76 1.09
C GLY A 50 -12.34 3.23 1.94
N ASP A 51 -13.43 2.86 1.28
CA ASP A 51 -14.63 2.30 1.92
C ASP A 51 -14.27 1.19 2.90
N SER A 52 -14.58 1.39 4.18
CA SER A 52 -14.30 0.38 5.20
C SER A 52 -15.56 -0.19 5.86
N THR A 53 -16.70 -0.04 5.20
CA THR A 53 -17.96 -0.57 5.75
C THR A 53 -17.98 -2.09 5.77
N ASN A 54 -17.10 -2.70 4.96
CA ASN A 54 -16.92 -4.14 5.00
C ASN A 54 -15.45 -4.47 5.31
N GLY A 55 -14.91 -3.79 6.31
CA GLY A 55 -13.53 -3.99 6.69
C GLY A 55 -12.60 -3.72 5.54
N CYS A 56 -11.60 -4.58 5.36
CA CYS A 56 -10.66 -4.33 4.28
C CYS A 56 -11.15 -4.88 2.93
N ILE A 57 -12.23 -5.64 2.95
CA ILE A 57 -12.78 -6.19 1.70
C ILE A 57 -13.24 -5.07 0.77
N SER A 58 -13.89 -4.05 1.33
CA SER A 58 -14.47 -2.98 0.52
C SER A 58 -13.43 -2.03 -0.08
N ALA A 59 -12.15 -2.25 0.23
CA ALA A 59 -11.07 -1.48 -0.40
C ALA A 59 -10.90 -1.79 -1.89
N GLY A 60 -11.45 -2.91 -2.35
CA GLY A 60 -11.32 -3.31 -3.73
C GLY A 60 -9.90 -3.72 -4.10
N PRO A 61 -9.56 -3.70 -5.41
CA PRO A 61 -8.26 -4.17 -5.90
C PRO A 61 -7.15 -3.12 -5.75
N HIS A 62 -5.93 -3.45 -6.16
CA HIS A 62 -4.85 -2.46 -6.13
C HIS A 62 -5.22 -1.29 -7.03
N PHE A 63 -4.87 -0.09 -6.60
CA PHE A 63 -5.14 1.09 -7.41
C PHE A 63 -4.34 1.02 -8.71
N ASN A 64 -5.05 1.09 -9.84
CA ASN A 64 -4.47 0.77 -11.14
C ASN A 64 -5.08 1.61 -12.26
N PRO A 65 -4.93 2.94 -12.19
CA PRO A 65 -5.60 3.81 -13.17
C PRO A 65 -5.02 3.66 -14.58
N PHE A 66 -3.81 3.13 -14.69
CA PHE A 66 -3.15 3.02 -16.00
C PHE A 66 -3.25 1.63 -16.60
N GLY A 67 -3.98 0.73 -15.95
CA GLY A 67 -4.32 -0.56 -16.53
C GLY A 67 -3.15 -1.51 -16.77
N LYS A 68 -2.26 -1.62 -15.78
CA LYS A 68 -1.09 -2.47 -15.88
C LYS A 68 -1.29 -3.76 -15.08
N THR A 69 -0.36 -4.70 -15.22
CA THR A 69 -0.33 -5.87 -14.35
C THR A 69 0.48 -5.57 -13.08
N HIS A 70 0.35 -6.44 -12.08
CA HIS A 70 1.00 -6.24 -10.80
C HIS A 70 2.51 -6.39 -10.86
N GLY A 71 3.23 -5.52 -10.16
CA GLY A 71 4.67 -5.65 -10.02
C GLY A 71 5.16 -5.17 -8.68
N GLY A 72 6.47 -5.03 -8.55
CA GLY A 72 7.05 -4.40 -7.39
C GLY A 72 7.32 -2.94 -7.66
N PRO A 73 7.74 -2.20 -6.65
CA PRO A 73 7.97 -0.76 -6.77
C PRO A 73 9.01 -0.42 -7.85
N LYS A 74 9.95 -1.32 -8.11
CA LYS A 74 11.04 -1.07 -9.06
C LYS A 74 10.73 -1.61 -10.45
N SER A 75 9.62 -2.32 -10.59
CA SER A 75 9.27 -2.94 -11.87
C SER A 75 8.92 -1.92 -12.95
N GLU A 76 9.27 -2.23 -14.19
CA GLU A 76 8.84 -1.41 -15.32
C GLU A 76 7.31 -1.44 -15.45
N ILE A 77 6.71 -2.60 -15.21
CA ILE A 77 5.27 -2.75 -15.30
C ILE A 77 4.71 -3.00 -13.89
N ARG A 78 3.86 -2.09 -13.42
CA ARG A 78 3.30 -2.22 -12.07
C ARG A 78 2.04 -1.39 -11.98
N HIS A 79 1.20 -1.71 -11.00
CA HIS A 79 0.09 -0.85 -10.61
C HIS A 79 0.61 0.40 -9.89
N VAL A 80 -0.11 1.52 -10.01
CA VAL A 80 0.24 2.68 -9.19
C VAL A 80 0.39 2.32 -7.70
N GLY A 81 -0.51 1.48 -7.21
CA GLY A 81 -0.53 1.17 -5.79
C GLY A 81 0.52 0.17 -5.30
N ASP A 82 1.43 -0.27 -6.18
CA ASP A 82 2.35 -1.35 -5.81
C ASP A 82 3.59 -0.87 -5.05
N LEU A 83 3.55 -0.95 -3.72
CA LEU A 83 4.64 -0.46 -2.89
C LEU A 83 5.57 -1.57 -2.38
N GLY A 84 5.31 -2.81 -2.83
CA GLY A 84 6.20 -3.92 -2.51
C GLY A 84 5.97 -4.49 -1.12
N ASN A 85 7.04 -4.90 -0.47
CA ASN A 85 6.97 -5.46 0.87
C ASN A 85 7.52 -4.51 1.91
N VAL A 86 6.94 -4.56 3.11
CA VAL A 86 7.54 -3.94 4.28
C VAL A 86 8.07 -5.06 5.18
N GLU A 87 9.07 -4.78 6.00
CA GLU A 87 9.69 -5.83 6.79
C GLU A 87 9.49 -5.57 8.29
N ALA A 88 8.78 -6.49 8.96
CA ALA A 88 8.58 -6.41 10.40
C ALA A 88 9.73 -7.11 11.11
N GLY A 89 10.24 -6.46 12.16
CA GLY A 89 11.31 -7.06 12.96
C GLY A 89 10.79 -8.01 14.02
N ALA A 90 11.67 -8.42 14.92
CA ALA A 90 11.35 -9.42 15.93
C ALA A 90 10.19 -9.02 16.83
N ASP A 91 9.98 -7.72 17.01
CA ASP A 91 8.92 -7.22 17.88
C ASP A 91 7.60 -7.01 17.15
N GLY A 92 7.56 -7.34 15.86
CA GLY A 92 6.34 -7.20 15.08
C GLY A 92 6.13 -5.83 14.46
N VAL A 93 7.14 -4.98 14.54
CA VAL A 93 7.05 -3.61 14.02
C VAL A 93 7.81 -3.46 12.70
N ALA A 94 7.12 -2.91 11.70
CA ALA A 94 7.74 -2.55 10.42
C ALA A 94 7.90 -1.03 10.36
N LYS A 95 9.13 -0.58 10.12
CA LYS A 95 9.40 0.82 9.90
C LYS A 95 9.43 1.06 8.40
N ILE A 96 8.68 2.05 7.96
CA ILE A 96 8.47 2.28 6.54
C ILE A 96 9.03 3.62 6.09
N LYS A 97 9.84 3.58 5.03
CA LYS A 97 10.43 4.78 4.46
C LYS A 97 10.66 4.55 2.97
N LEU A 98 9.77 5.10 2.16
CA LEU A 98 9.73 4.84 0.72
C LEU A 98 9.54 6.13 -0.05
N THR A 99 10.00 6.15 -1.30
CA THR A 99 9.62 7.21 -2.23
C THR A 99 8.98 6.57 -3.44
N ASP A 100 8.01 7.26 -4.04
CA ASP A 100 7.34 6.70 -5.20
C ASP A 100 7.04 7.75 -6.27
N THR A 101 7.21 7.36 -7.53
CA THR A 101 7.01 8.26 -8.67
C THR A 101 5.61 8.19 -9.28
N LEU A 102 4.82 7.18 -8.89
CA LEU A 102 3.47 7.04 -9.43
C LEU A 102 2.41 7.49 -8.44
N VAL A 103 2.61 7.20 -7.16
CA VAL A 103 1.71 7.66 -6.12
C VAL A 103 1.78 9.18 -6.02
N THR A 104 0.63 9.84 -6.06
CA THR A 104 0.60 11.29 -5.97
C THR A 104 -0.61 11.77 -5.18
N LEU A 105 -0.47 12.96 -4.59
CA LEU A 105 -1.52 13.64 -3.85
C LEU A 105 -2.08 14.79 -4.67
N TYR A 106 -1.71 14.85 -5.95
CA TYR A 106 -2.16 15.92 -6.83
C TYR A 106 -2.85 15.35 -8.06
N GLY A 107 -3.77 16.13 -8.64
CA GLY A 107 -4.36 15.79 -9.92
C GLY A 107 -5.38 14.67 -9.91
N PRO A 108 -5.81 14.24 -11.11
CA PRO A 108 -6.92 13.30 -11.27
C PRO A 108 -6.62 11.89 -10.74
N ASN A 109 -5.35 11.54 -10.63
CA ASN A 109 -4.97 10.20 -10.16
C ASN A 109 -4.54 10.18 -8.70
N THR A 110 -4.96 11.20 -7.96
CA THR A 110 -4.61 11.30 -6.54
C THR A 110 -5.04 10.05 -5.78
N VAL A 111 -4.26 9.68 -4.77
CA VAL A 111 -4.64 8.57 -3.89
C VAL A 111 -5.46 9.02 -2.68
N VAL A 112 -5.69 10.32 -2.55
CA VAL A 112 -6.52 10.81 -1.45
C VAL A 112 -7.92 10.20 -1.51
N GLY A 113 -8.39 9.69 -0.38
CA GLY A 113 -9.70 9.05 -0.32
C GLY A 113 -9.66 7.56 -0.59
N ARG A 114 -8.50 7.05 -1.01
CA ARG A 114 -8.35 5.63 -1.30
C ARG A 114 -7.81 4.96 -0.04
N SER A 115 -7.23 3.78 -0.13
CA SER A 115 -6.76 3.12 1.08
C SER A 115 -5.34 2.58 0.98
N MET A 116 -4.71 2.46 2.13
CA MET A 116 -3.47 1.71 2.29
CA MET A 116 -3.50 1.68 2.24
C MET A 116 -3.84 0.39 2.97
N VAL A 117 -3.29 -0.71 2.46
CA VAL A 117 -3.57 -2.03 2.99
C VAL A 117 -2.25 -2.79 3.19
N VAL A 118 -2.11 -3.40 4.36
CA VAL A 118 -0.97 -4.28 4.63
C VAL A 118 -1.47 -5.72 4.74
N HIS A 119 -0.69 -6.66 4.22
CA HIS A 119 -1.12 -8.04 4.06
C HIS A 119 -0.42 -9.01 5.03
N ALA A 120 -1.05 -10.17 5.22
CA ALA A 120 -0.52 -11.22 6.06
C ALA A 120 0.71 -11.90 5.44
N GLY A 121 0.71 -12.00 4.11
CA GLY A 121 1.79 -12.66 3.40
C GLY A 121 2.71 -11.72 2.62
N GLN A 122 3.72 -12.32 2.00
CA GLN A 122 4.74 -11.62 1.24
C GLN A 122 4.29 -11.46 -0.22
N ASP A 123 4.50 -10.26 -0.77
CA ASP A 123 4.20 -9.96 -2.18
C ASP A 123 5.31 -10.52 -3.07
N ASP A 124 4.97 -11.34 -4.06
CA ASP A 124 5.97 -11.91 -4.97
C ASP A 124 6.37 -10.97 -6.12
N LEU A 125 5.84 -9.74 -6.07
CA LEU A 125 6.21 -8.66 -6.99
C LEU A 125 5.89 -8.95 -8.45
N GLY A 126 4.90 -9.81 -8.67
CA GLY A 126 4.47 -10.16 -10.02
C GLY A 126 5.37 -11.17 -10.71
N GLU A 127 6.30 -11.76 -9.96
CA GLU A 127 7.27 -12.68 -10.55
C GLU A 127 6.94 -14.16 -10.31
N GLY A 128 5.75 -14.44 -9.79
CA GLY A 128 5.34 -15.81 -9.54
C GLY A 128 5.24 -16.64 -10.81
N VAL A 129 5.49 -17.94 -10.69
CA VAL A 129 5.44 -18.81 -11.85
C VAL A 129 4.59 -20.06 -11.60
N GLY A 130 4.31 -20.79 -12.67
CA GLY A 130 3.47 -21.98 -12.56
C GLY A 130 2.06 -21.64 -12.14
N ASP A 131 1.49 -22.45 -11.25
CA ASP A 131 0.12 -22.22 -10.79
C ASP A 131 -0.05 -20.91 -10.03
N LYS A 132 1.05 -20.27 -9.64
CA LYS A 132 0.99 -18.99 -8.93
C LYS A 132 0.99 -17.78 -9.86
N ALA A 133 1.25 -18.01 -11.15
CA ALA A 133 1.47 -16.91 -12.09
C ALA A 133 0.27 -15.98 -12.31
N GLU A 134 -0.91 -16.57 -12.49
CA GLU A 134 -2.10 -15.78 -12.75
C GLU A 134 -2.36 -14.78 -11.62
N GLU A 135 -2.37 -15.30 -10.39
CA GLU A 135 -2.62 -14.46 -9.22
C GLU A 135 -1.46 -13.50 -8.98
N SER A 136 -0.25 -13.94 -9.31
CA SER A 136 0.91 -13.07 -9.14
C SER A 136 0.72 -11.74 -9.88
N LYS A 137 0.17 -11.82 -11.09
CA LYS A 137 -0.02 -10.65 -11.93
C LYS A 137 -1.23 -9.78 -11.55
N LYS A 138 -2.01 -10.26 -10.58
CA LYS A 138 -3.13 -9.49 -10.03
C LYS A 138 -2.79 -8.89 -8.66
N THR A 139 -2.29 -9.73 -7.75
CA THR A 139 -2.16 -9.34 -6.35
C THR A 139 -0.80 -9.65 -5.75
N GLY A 140 0.08 -10.29 -6.51
CA GLY A 140 1.35 -10.71 -5.97
C GLY A 140 1.27 -11.83 -4.93
N ASN A 141 0.11 -12.48 -4.83
CA ASN A 141 -0.04 -13.59 -3.90
C ASN A 141 0.27 -13.22 -2.45
N ALA A 142 -0.05 -11.99 -2.06
CA ALA A 142 0.28 -11.50 -0.72
C ALA A 142 -0.71 -11.94 0.36
N GLY A 143 -1.76 -12.64 -0.03
CA GLY A 143 -2.69 -13.18 0.95
C GLY A 143 -3.63 -12.18 1.61
N ALA A 144 -4.10 -12.55 2.79
CA ALA A 144 -5.16 -11.83 3.48
C ALA A 144 -4.79 -10.39 3.80
N ARG A 145 -5.80 -9.54 3.88
CA ARG A 145 -5.63 -8.15 4.26
C ARG A 145 -5.66 -8.05 5.79
N ALA A 146 -4.55 -7.63 6.39
CA ALA A 146 -4.44 -7.59 7.85
C ALA A 146 -4.92 -6.27 8.46
N ALA A 147 -4.72 -5.16 7.76
CA ALA A 147 -5.18 -3.87 8.21
C ALA A 147 -5.32 -2.93 7.02
N CYS A 148 -6.16 -1.94 7.19
CA CYS A 148 -6.37 -0.93 6.16
C CYS A 148 -6.73 0.42 6.77
N GLY A 149 -6.46 1.49 6.03
CA GLY A 149 -6.86 2.80 6.47
C GLY A 149 -7.09 3.71 5.29
N VAL A 150 -7.98 4.68 5.45
CA VAL A 150 -8.28 5.64 4.40
C VAL A 150 -7.19 6.69 4.32
N ILE A 151 -6.76 7.03 3.11
CA ILE A 151 -5.79 8.09 2.93
C ILE A 151 -6.49 9.45 3.06
N ALA A 152 -6.21 10.12 4.17
CA ALA A 152 -6.91 11.34 4.57
C ALA A 152 -6.08 12.57 4.30
N LEU A 153 -6.71 13.65 3.84
CA LEU A 153 -6.01 14.91 3.71
CA LEU A 153 -6.02 14.92 3.72
C LEU A 153 -5.59 15.42 5.10
N ALA A 154 -4.37 15.94 5.17
CA ALA A 154 -3.86 16.50 6.44
C ALA A 154 -3.30 17.89 6.19
N ALA A 155 -3.18 18.68 7.26
CA ALA A 155 -2.58 20.00 7.13
C ALA A 155 -1.11 19.86 6.67
N PRO A 156 -0.72 20.61 5.63
CA PRO A 156 0.65 20.58 5.13
C PRO A 156 1.63 21.13 6.15
#